data_5CQB
#
_entry.id   5CQB
#
_cell.length_a   62.981
_cell.length_b   68.229
_cell.length_c   111.412
_cell.angle_alpha   90.000
_cell.angle_beta   90.000
_cell.angle_gamma   90.000
#
_symmetry.space_group_name_H-M   'P 21 21 21'
#
loop_
_entity.id
_entity.type
_entity.pdbx_description
1 polymer 'Ditrans,polycis-undecaprenyl-diphosphate synthase ((2E,6E)-farnesyl-diphosphate specific)'
2 non-polymer 'TRIETHYLENE GLYCOL'
3 water water
#
_entity_poly.entity_id   1
_entity_poly.type   'polypeptide(L)'
_entity_poly.pdbx_seq_one_letter_code
;MLSATQPLSEKLPAHGCRHVAIIMDGNGRWAKKQGKIRAFGHKAGAKSVRRAVSFAANNGIEALTLYAFSSENWNRPAQE
VSALMELFVWALDSEVKSLHRHNVRLRIIGDTSRFNSRLQERIRKSEALTAGNTGLTLNIAANYGGRWDIVQGVRQLAEK
VQQGNLQPDQIDEEMLNQHVCMHELAPVDLVIRTGGEHRISNFLLWQIAYAELYFTDVLWPDFDEQDFEGALNAFANRER
RFGGTEPGDETA
;
_entity_poly.pdbx_strand_id   A,B
#
# COMPACT_ATOMS: atom_id res chain seq x y z
N LEU A 12 1.20 -23.98 -2.96
CA LEU A 12 1.38 -25.29 -3.57
C LEU A 12 0.72 -25.49 -4.97
N PRO A 13 -0.17 -24.58 -5.42
CA PRO A 13 -0.48 -24.72 -6.86
C PRO A 13 0.69 -24.22 -7.70
N ALA A 14 0.80 -24.66 -8.95
CA ALA A 14 1.96 -24.32 -9.78
C ALA A 14 2.22 -22.82 -9.92
N HIS A 15 1.16 -22.01 -9.91
CA HIS A 15 1.34 -20.57 -10.02
C HIS A 15 1.82 -19.95 -8.69
N GLY A 16 1.77 -20.73 -7.61
CA GLY A 16 2.32 -20.31 -6.34
C GLY A 16 1.48 -19.29 -5.59
N CYS A 17 0.29 -19.04 -6.09
CA CYS A 17 -0.56 -17.97 -5.59
C CYS A 17 -1.66 -18.45 -4.65
N ARG A 18 -1.57 -18.08 -3.38
CA ARG A 18 -2.55 -18.54 -2.39
C ARG A 18 -3.70 -17.55 -2.22
N HIS A 19 -3.40 -16.27 -2.37
CA HIS A 19 -4.38 -15.26 -2.05
C HIS A 19 -4.27 -14.11 -3.06
N VAL A 20 -5.33 -13.93 -3.84
CA VAL A 20 -5.42 -12.86 -4.82
C VAL A 20 -6.42 -11.81 -4.35
N ALA A 21 -6.08 -10.53 -4.45
CA ALA A 21 -7.05 -9.46 -4.22
C ALA A 21 -7.28 -8.68 -5.51
N ILE A 22 -8.50 -8.20 -5.72
CA ILE A 22 -8.85 -7.53 -6.97
C ILE A 22 -9.62 -6.22 -6.75
N ILE A 23 -9.13 -5.14 -7.37
CA ILE A 23 -9.89 -3.90 -7.45
C ILE A 23 -10.62 -3.94 -8.78
N MET A 24 -11.94 -4.08 -8.69
CA MET A 24 -12.79 -4.29 -9.85
C MET A 24 -13.26 -2.97 -10.46
N ASP A 25 -12.43 -2.39 -11.31
CA ASP A 25 -12.74 -1.10 -11.86
C ASP A 25 -13.05 -1.25 -13.35
N GLY A 26 -13.89 -0.36 -13.88
CA GLY A 26 -14.26 -0.39 -15.27
C GLY A 26 -15.73 -0.62 -15.62
N ASN A 27 -16.57 -0.92 -14.63
CA ASN A 27 -17.97 -1.25 -14.95
C ASN A 27 -18.66 -0.09 -15.67
N GLY A 28 -18.44 1.11 -15.14
CA GLY A 28 -19.00 2.34 -15.67
C GLY A 28 -18.59 2.58 -17.11
N ARG A 29 -17.29 2.62 -17.43
CA ARG A 29 -16.97 2.92 -18.81
C ARG A 29 -17.30 1.77 -19.73
N TRP A 30 -17.29 0.53 -19.21
CA TRP A 30 -17.76 -0.61 -20.01
C TRP A 30 -19.18 -0.40 -20.52
N ALA A 31 -20.06 0.00 -19.61
CA ALA A 31 -21.44 0.31 -19.93
C ALA A 31 -21.53 1.48 -20.92
N LYS A 32 -20.76 2.53 -20.64
CA LYS A 32 -20.77 3.74 -21.46
C LYS A 32 -20.31 3.41 -22.88
N LYS A 33 -19.37 2.47 -23.01
CA LYS A 33 -18.90 2.04 -24.34
C LYS A 33 -20.00 1.43 -25.19
N GLN A 34 -21.01 0.84 -24.55
CA GLN A 34 -22.09 0.20 -25.28
C GLN A 34 -23.33 1.09 -25.38
N GLY A 35 -23.19 2.36 -25.00
CA GLY A 35 -24.33 3.26 -24.91
C GLY A 35 -25.34 2.77 -23.88
N LYS A 36 -24.84 2.10 -22.84
CA LYS A 36 -25.70 1.60 -21.78
C LYS A 36 -25.46 2.37 -20.49
N ILE A 37 -26.49 2.48 -19.67
CA ILE A 37 -26.31 3.17 -18.40
C ILE A 37 -25.45 2.32 -17.49
N ARG A 38 -24.99 2.92 -16.41
CA ARG A 38 -23.99 2.29 -15.55
C ARG A 38 -24.50 1.01 -14.90
N ALA A 39 -25.78 0.98 -14.55
CA ALA A 39 -26.36 -0.18 -13.88
C ALA A 39 -26.18 -1.45 -14.73
N PHE A 40 -26.18 -1.30 -16.04
CA PHE A 40 -25.98 -2.44 -16.91
C PHE A 40 -24.56 -2.97 -16.73
N GLY A 41 -23.61 -2.04 -16.61
CA GLY A 41 -22.22 -2.38 -16.35
C GLY A 41 -22.02 -3.09 -15.01
N HIS A 42 -22.71 -2.62 -13.98
CA HIS A 42 -22.59 -3.26 -12.67
C HIS A 42 -23.17 -4.66 -12.69
N LYS A 43 -24.21 -4.87 -13.47
CA LYS A 43 -24.76 -6.20 -13.65
C LYS A 43 -23.77 -7.09 -14.41
N ALA A 44 -23.18 -6.58 -15.48
CA ALA A 44 -22.15 -7.35 -16.17
C ALA A 44 -20.97 -7.63 -15.22
N GLY A 45 -20.65 -6.64 -14.39
CA GLY A 45 -19.64 -6.79 -13.37
C GLY A 45 -19.90 -7.94 -12.40
N ALA A 46 -21.15 -8.12 -12.02
CA ALA A 46 -21.53 -9.19 -11.09
C ALA A 46 -21.33 -10.55 -11.76
N LYS A 47 -21.66 -10.61 -13.03
CA LYS A 47 -21.40 -11.79 -13.83
C LYS A 47 -19.92 -12.09 -13.80
N SER A 48 -19.10 -11.04 -13.95
CA SER A 48 -17.68 -11.26 -14.05
C SER A 48 -17.08 -11.72 -12.70
N VAL A 49 -17.72 -11.33 -11.59
CA VAL A 49 -17.33 -11.80 -10.27
C VAL A 49 -17.57 -13.30 -10.20
N ARG A 50 -18.77 -13.73 -10.58
CA ARG A 50 -19.11 -15.16 -10.61
C ARG A 50 -18.07 -15.96 -11.39
N ARG A 51 -17.76 -15.48 -12.59
CA ARG A 51 -16.70 -16.06 -13.42
C ARG A 51 -15.34 -16.13 -12.67
N ALA A 52 -14.97 -15.07 -11.96
CA ALA A 52 -13.66 -15.02 -11.29
C ALA A 52 -13.60 -15.96 -10.09
N VAL A 53 -14.68 -15.95 -9.30
CA VAL A 53 -14.85 -16.88 -8.19
C VAL A 53 -14.70 -18.33 -8.63
N SER A 54 -15.42 -18.70 -9.69
CA SER A 54 -15.29 -20.04 -10.28
C SER A 54 -13.88 -20.31 -10.76
N PHE A 55 -13.25 -19.34 -11.40
CA PHE A 55 -11.88 -19.55 -11.85
C PHE A 55 -10.95 -19.79 -10.66
N ALA A 56 -11.00 -18.91 -9.65
CA ALA A 56 -10.13 -19.03 -8.49
C ALA A 56 -10.28 -20.40 -7.81
N ALA A 57 -11.52 -20.78 -7.51
CA ALA A 57 -11.82 -22.06 -6.87
C ALA A 57 -11.30 -23.26 -7.66
N ASN A 58 -11.29 -23.14 -8.98
CA ASN A 58 -10.83 -24.22 -9.84
C ASN A 58 -9.33 -24.19 -10.07
N ASN A 59 -8.66 -23.17 -9.55
CA ASN A 59 -7.22 -23.10 -9.74
C ASN A 59 -6.47 -23.06 -8.42
N GLY A 60 -7.03 -23.74 -7.43
CA GLY A 60 -6.36 -23.96 -6.17
C GLY A 60 -6.01 -22.71 -5.37
N ILE A 61 -6.69 -21.61 -5.66
CA ILE A 61 -6.45 -20.39 -4.89
C ILE A 61 -7.17 -20.51 -3.55
N GLU A 62 -6.48 -20.20 -2.47
CA GLU A 62 -7.08 -20.32 -1.14
C GLU A 62 -8.08 -19.23 -0.84
N ALA A 63 -7.79 -18.03 -1.31
CA ALA A 63 -8.60 -16.87 -0.95
C ALA A 63 -8.65 -15.86 -2.09
N LEU A 64 -9.85 -15.32 -2.34
CA LEU A 64 -10.05 -14.24 -3.29
C LEU A 64 -10.73 -13.08 -2.58
N THR A 65 -10.13 -11.90 -2.66
CA THR A 65 -10.66 -10.74 -1.96
C THR A 65 -11.05 -9.66 -2.97
N LEU A 66 -12.31 -9.26 -2.94
CA LEU A 66 -12.82 -8.39 -3.98
C LEU A 66 -13.24 -7.02 -3.48
N TYR A 67 -12.83 -6.00 -4.22
CA TYR A 67 -13.12 -4.60 -3.89
C TYR A 67 -13.83 -3.89 -5.04
N ALA A 68 -15.03 -3.42 -4.78
CA ALA A 68 -15.80 -2.70 -5.78
C ALA A 68 -15.50 -1.22 -5.75
N PHE A 69 -14.77 -0.74 -6.76
CA PHE A 69 -14.42 0.67 -6.83
C PHE A 69 -15.33 1.41 -7.81
N PHE A 88 -24.84 -4.92 -3.83
CA PHE A 88 -24.52 -5.74 -2.67
C PHE A 88 -25.74 -6.01 -1.80
N VAL A 89 -26.57 -4.99 -1.63
CA VAL A 89 -27.78 -5.09 -0.81
C VAL A 89 -28.67 -6.23 -1.32
N TRP A 90 -28.62 -6.45 -2.63
CA TRP A 90 -29.34 -7.55 -3.25
C TRP A 90 -28.48 -8.80 -3.29
N ALA A 91 -27.39 -8.71 -4.05
CA ALA A 91 -26.46 -9.81 -4.33
C ALA A 91 -26.42 -10.89 -3.26
N LEU A 92 -26.25 -10.45 -2.02
CA LEU A 92 -26.05 -11.37 -0.92
C LEU A 92 -27.30 -12.18 -0.56
N ASP A 93 -27.71 -13.08 -1.45
CA ASP A 93 -28.78 -14.03 -1.14
C ASP A 93 -28.94 -15.07 -2.25
N SER A 94 -29.19 -14.59 -3.46
CA SER A 94 -29.24 -15.48 -4.63
C SER A 94 -27.85 -16.00 -4.93
N GLU A 95 -26.88 -15.10 -4.82
CA GLU A 95 -25.49 -15.44 -5.00
C GLU A 95 -25.02 -16.41 -3.92
N VAL A 96 -25.47 -16.15 -2.70
CA VAL A 96 -25.10 -16.96 -1.53
C VAL A 96 -25.41 -18.44 -1.73
N LYS A 97 -26.59 -18.74 -2.26
CA LYS A 97 -26.96 -20.13 -2.53
C LYS A 97 -25.98 -20.71 -3.54
N SER A 98 -25.70 -19.95 -4.58
CA SER A 98 -24.72 -20.32 -5.59
C SER A 98 -23.33 -20.51 -5.00
N LEU A 99 -22.88 -19.54 -4.22
CA LEU A 99 -21.56 -19.62 -3.58
C LEU A 99 -21.47 -20.90 -2.76
N HIS A 100 -22.51 -21.13 -1.95
CA HIS A 100 -22.57 -22.26 -1.04
C HIS A 100 -22.51 -23.56 -1.80
N ARG A 101 -23.22 -23.62 -2.92
CA ARG A 101 -23.23 -24.81 -3.76
C ARG A 101 -21.85 -25.07 -4.37
N HIS A 102 -21.04 -24.03 -4.49
CA HIS A 102 -19.67 -24.16 -5.00
C HIS A 102 -18.64 -24.34 -3.87
N ASN A 103 -19.10 -24.67 -2.67
CA ASN A 103 -18.24 -24.93 -1.53
C ASN A 103 -17.34 -23.72 -1.21
N VAL A 104 -17.86 -22.51 -1.43
CA VAL A 104 -17.15 -21.27 -1.12
C VAL A 104 -17.50 -20.77 0.28
N ARG A 105 -16.49 -20.41 1.06
CA ARG A 105 -16.72 -19.77 2.33
C ARG A 105 -16.76 -18.26 2.14
N LEU A 106 -17.89 -17.64 2.49
CA LEU A 106 -18.12 -16.23 2.23
C LEU A 106 -17.92 -15.38 3.48
N ARG A 107 -17.05 -14.37 3.39
CA ARG A 107 -16.84 -13.40 4.47
C ARG A 107 -16.96 -11.97 3.95
N ILE A 108 -17.49 -11.06 4.75
CA ILE A 108 -17.58 -9.66 4.35
C ILE A 108 -16.62 -8.84 5.20
N ILE A 109 -15.73 -8.09 4.57
CA ILE A 109 -14.85 -7.24 5.35
C ILE A 109 -15.21 -5.79 5.09
N GLY A 110 -15.15 -4.96 6.13
CA GLY A 110 -15.48 -3.55 6.00
C GLY A 110 -16.34 -3.08 7.16
N ASP A 111 -16.65 -1.79 7.20
CA ASP A 111 -17.44 -1.25 8.30
C ASP A 111 -18.94 -1.47 8.08
N THR A 112 -19.45 -2.59 8.60
CA THR A 112 -20.85 -2.96 8.38
C THR A 112 -21.76 -2.51 9.51
N SER A 113 -21.21 -1.74 10.45
CA SER A 113 -21.99 -1.18 11.54
CA SER A 113 -22.00 -1.18 11.54
C SER A 113 -22.92 -0.08 11.03
N ARG A 114 -22.48 0.64 10.01
CA ARG A 114 -23.27 1.70 9.41
C ARG A 114 -24.57 1.17 8.79
N PHE A 115 -24.54 -0.09 8.37
CA PHE A 115 -25.69 -0.70 7.71
C PHE A 115 -26.87 -0.92 8.63
N ASN A 116 -28.05 -1.05 8.03
CA ASN A 116 -29.27 -1.42 8.76
C ASN A 116 -29.18 -2.85 9.28
N SER A 117 -29.63 -3.07 10.52
CA SER A 117 -29.45 -4.36 11.18
C SER A 117 -30.43 -5.43 10.70
N ARG A 118 -31.18 -5.13 9.65
CA ARG A 118 -32.08 -6.12 9.06
C ARG A 118 -31.37 -6.86 7.94
N LEU A 119 -30.44 -6.18 7.27
CA LEU A 119 -29.60 -6.83 6.28
C LEU A 119 -28.19 -7.05 6.82
N GLN A 120 -27.90 -6.46 7.97
CA GLN A 120 -26.75 -6.89 8.76
C GLN A 120 -26.98 -8.33 9.19
N GLU A 121 -28.26 -8.66 9.41
CA GLU A 121 -28.67 -10.00 9.79
C GLU A 121 -28.45 -10.94 8.61
N ARG A 122 -28.75 -10.45 7.41
CA ARG A 122 -28.58 -11.26 6.23
C ARG A 122 -27.10 -11.51 5.95
N ILE A 123 -26.25 -10.56 6.32
CA ILE A 123 -24.81 -10.74 6.19
C ILE A 123 -24.31 -11.85 7.11
N ARG A 124 -24.64 -11.78 8.39
CA ARG A 124 -24.18 -12.80 9.33
C ARG A 124 -24.79 -14.16 8.98
N LYS A 125 -26.01 -14.17 8.46
CA LYS A 125 -26.61 -15.44 8.09
C LYS A 125 -25.87 -16.07 6.93
N SER A 126 -25.56 -15.28 5.91
CA SER A 126 -24.76 -15.75 4.78
C SER A 126 -23.40 -16.26 5.21
N GLU A 127 -22.79 -15.60 6.18
CA GLU A 127 -21.47 -16.02 6.66
C GLU A 127 -21.50 -17.37 7.39
N ALA A 128 -22.40 -17.52 8.35
CA ALA A 128 -22.48 -18.77 9.13
C ALA A 128 -22.92 -19.93 8.24
N LEU A 129 -23.80 -19.64 7.29
CA LEU A 129 -24.25 -20.68 6.37
C LEU A 129 -23.10 -21.31 5.56
N THR A 130 -22.08 -20.51 5.24
CA THR A 130 -20.98 -20.99 4.43
C THR A 130 -19.69 -21.17 5.21
N ALA A 131 -19.75 -20.92 6.50
CA ALA A 131 -18.55 -20.96 7.34
C ALA A 131 -17.88 -22.33 7.34
N GLY A 132 -18.65 -23.38 7.07
CA GLY A 132 -18.11 -24.72 7.09
C GLY A 132 -17.41 -25.14 5.80
N ASN A 133 -17.66 -24.39 4.72
CA ASN A 133 -17.17 -24.78 3.40
C ASN A 133 -15.65 -24.80 3.32
N THR A 134 -15.11 -25.77 2.58
CA THR A 134 -13.68 -26.01 2.57
C THR A 134 -12.99 -25.59 1.26
N GLY A 135 -13.75 -24.98 0.36
CA GLY A 135 -13.18 -24.51 -0.87
C GLY A 135 -12.61 -23.12 -0.70
N LEU A 136 -12.83 -22.30 -1.70
CA LEU A 136 -12.32 -20.95 -1.71
C LEU A 136 -12.89 -20.12 -0.58
N THR A 137 -12.09 -19.22 -0.04
CA THR A 137 -12.63 -18.20 0.84
C THR A 137 -12.75 -16.91 0.07
N LEU A 138 -13.98 -16.43 -0.04
CA LEU A 138 -14.25 -15.22 -0.78
C LEU A 138 -14.50 -14.08 0.21
N ASN A 139 -13.65 -13.09 0.18
CA ASN A 139 -13.85 -11.92 1.01
C ASN A 139 -14.39 -10.78 0.15
N ILE A 140 -15.56 -10.28 0.53
CA ILE A 140 -16.16 -9.14 -0.18
C ILE A 140 -16.00 -7.87 0.64
N ALA A 141 -15.34 -6.87 0.07
CA ALA A 141 -15.17 -5.57 0.70
C ALA A 141 -16.44 -4.75 0.56
N ALA A 142 -16.99 -4.34 1.70
CA ALA A 142 -18.19 -3.53 1.73
C ALA A 142 -17.99 -2.45 2.75
N ASN A 143 -18.02 -1.20 2.30
CA ASN A 143 -17.73 -0.06 3.16
C ASN A 143 -16.39 -0.29 3.82
N TYR A 144 -15.45 -0.77 3.00
CA TYR A 144 -14.14 -1.11 3.46
C TYR A 144 -13.15 -0.03 3.05
N GLY A 145 -12.20 0.24 3.93
CA GLY A 145 -11.05 1.07 3.61
C GLY A 145 -9.82 0.50 4.31
N GLY A 146 -8.68 0.59 3.65
CA GLY A 146 -7.43 0.10 4.22
C GLY A 146 -7.02 0.86 5.47
N ARG A 147 -7.22 2.18 5.48
CA ARG A 147 -6.92 2.97 6.66
C ARG A 147 -7.89 2.63 7.80
N TRP A 148 -9.17 2.49 7.47
CA TRP A 148 -10.18 2.09 8.45
C TRP A 148 -9.80 0.74 9.09
N ASP A 149 -9.40 -0.19 8.23
CA ASP A 149 -8.98 -1.54 8.63
C ASP A 149 -7.88 -1.43 9.71
N ILE A 150 -6.85 -0.63 9.44
CA ILE A 150 -5.79 -0.44 10.43
C ILE A 150 -6.35 0.18 11.70
N VAL A 151 -7.24 1.15 11.54
CA VAL A 151 -7.77 1.88 12.69
C VAL A 151 -8.66 1.00 13.56
N GLN A 152 -9.46 0.11 12.98
CA GLN A 152 -10.29 -0.73 13.84
C GLN A 152 -9.39 -1.68 14.63
N GLY A 153 -8.28 -2.10 14.04
CA GLY A 153 -7.35 -3.00 14.72
C GLY A 153 -6.63 -2.25 15.84
N VAL A 154 -6.30 -0.99 15.57
CA VAL A 154 -5.72 -0.13 16.59
C VAL A 154 -6.71 0.07 17.75
N ARG A 155 -8.00 0.23 17.44
CA ARG A 155 -9.00 0.45 18.50
C ARG A 155 -9.09 -0.77 19.41
N GLN A 156 -8.94 -1.96 18.86
CA GLN A 156 -8.97 -3.19 19.67
C GLN A 156 -7.78 -3.25 20.58
N LEU A 157 -6.62 -2.85 20.06
CA LEU A 157 -5.42 -2.80 20.89
C LEU A 157 -5.59 -1.73 21.98
N ALA A 158 -6.21 -0.61 21.63
CA ALA A 158 -6.45 0.42 22.63
C ALA A 158 -7.39 -0.09 23.73
N GLU A 159 -8.40 -0.86 23.36
CA GLU A 159 -9.35 -1.39 24.34
C GLU A 159 -8.63 -2.29 25.34
N LYS A 160 -7.72 -3.11 24.82
CA LYS A 160 -6.94 -3.99 25.67
C LYS A 160 -6.01 -3.19 26.57
N VAL A 161 -5.42 -2.12 26.03
CA VAL A 161 -4.58 -1.26 26.85
C VAL A 161 -5.39 -0.64 28.00
N GLN A 162 -6.60 -0.19 27.70
CA GLN A 162 -7.45 0.47 28.68
C GLN A 162 -7.97 -0.51 29.74
N GLN A 163 -8.21 -1.75 29.34
CA GLN A 163 -8.62 -2.83 30.25
C GLN A 163 -7.45 -3.35 31.08
N GLY A 164 -6.23 -2.91 30.77
CA GLY A 164 -5.08 -3.30 31.56
C GLY A 164 -4.39 -4.57 31.10
N ASN A 165 -4.96 -5.24 30.10
CA ASN A 165 -4.33 -6.44 29.54
C ASN A 165 -2.99 -6.16 28.87
N LEU A 166 -2.94 -5.08 28.08
CA LEU A 166 -1.86 -4.87 27.15
C LEU A 166 -1.00 -3.66 27.52
N GLN A 167 0.32 -3.83 27.43
CA GLN A 167 1.26 -2.72 27.57
C GLN A 167 1.60 -2.13 26.20
N PRO A 168 1.64 -0.79 26.12
CA PRO A 168 1.93 -0.07 24.87
C PRO A 168 3.19 -0.55 24.17
N ASP A 169 4.25 -0.82 24.92
CA ASP A 169 5.51 -1.18 24.29
C ASP A 169 5.56 -2.67 23.95
N GLN A 170 4.46 -3.38 24.18
CA GLN A 170 4.38 -4.78 23.76
C GLN A 170 3.84 -4.84 22.34
N ILE A 171 3.27 -3.72 21.90
CA ILE A 171 2.68 -3.63 20.56
C ILE A 171 3.75 -3.57 19.48
N ASP A 172 3.84 -4.62 18.66
CA ASP A 172 4.75 -4.62 17.52
C ASP A 172 4.00 -4.99 16.25
N GLU A 173 4.71 -5.00 15.12
CA GLU A 173 4.11 -5.34 13.84
C GLU A 173 3.27 -6.60 13.89
N GLU A 174 3.83 -7.65 14.47
CA GLU A 174 3.19 -8.95 14.42
C GLU A 174 1.87 -8.88 15.14
N MET A 175 1.83 -8.14 16.25
CA MET A 175 0.60 -8.07 17.05
C MET A 175 -0.48 -7.33 16.30
N LEU A 176 -0.12 -6.19 15.70
CA LEU A 176 -1.08 -5.44 14.91
C LEU A 176 -1.49 -6.29 13.70
N ASN A 177 -0.55 -7.04 13.15
CA ASN A 177 -0.85 -7.93 12.04
C ASN A 177 -2.02 -8.89 12.34
N GLN A 178 -2.10 -9.35 13.59
CA GLN A 178 -3.14 -10.28 14.01
C GLN A 178 -4.44 -9.60 14.44
N HIS A 179 -4.56 -8.31 14.14
CA HIS A 179 -5.78 -7.57 14.43
C HIS A 179 -6.38 -6.88 13.19
N VAL A 180 -5.74 -7.04 12.04
CA VAL A 180 -6.27 -6.43 10.83
C VAL A 180 -7.08 -7.47 10.07
N CYS A 181 -7.89 -7.04 9.11
CA CYS A 181 -8.71 -7.98 8.38
C CYS A 181 -7.87 -9.07 7.71
N MET A 182 -8.37 -10.29 7.82
CA MET A 182 -7.86 -11.45 7.09
C MET A 182 -6.54 -11.96 7.60
N HIS A 183 -6.15 -11.56 8.81
CA HIS A 183 -4.88 -12.04 9.38
C HIS A 183 -4.82 -13.57 9.43
N GLU A 184 -5.99 -14.22 9.46
CA GLU A 184 -6.02 -15.68 9.59
C GLU A 184 -5.88 -16.38 8.24
N LEU A 185 -5.94 -15.63 7.15
CA LEU A 185 -5.78 -16.22 5.83
C LEU A 185 -4.34 -16.07 5.40
N ALA A 186 -3.98 -16.73 4.30
CA ALA A 186 -2.64 -16.52 3.74
C ALA A 186 -2.47 -15.04 3.42
N PRO A 187 -1.24 -14.52 3.60
CA PRO A 187 -0.91 -13.15 3.16
C PRO A 187 -1.32 -12.92 1.70
N VAL A 188 -1.68 -11.71 1.33
CA VAL A 188 -2.07 -11.41 -0.04
C VAL A 188 -0.85 -11.49 -0.94
N ASP A 189 -0.85 -12.42 -1.91
CA ASP A 189 0.28 -12.62 -2.84
C ASP A 189 0.26 -11.65 -4.02
N LEU A 190 -0.94 -11.30 -4.45
CA LEU A 190 -1.13 -10.64 -5.71
C LEU A 190 -2.31 -9.71 -5.63
N VAL A 191 -2.11 -8.45 -6.02
CA VAL A 191 -3.21 -7.52 -6.18
C VAL A 191 -3.42 -7.22 -7.65
N ILE A 192 -4.64 -7.46 -8.14
CA ILE A 192 -4.97 -7.12 -9.53
C ILE A 192 -5.82 -5.86 -9.55
N ARG A 193 -5.45 -4.87 -10.33
CA ARG A 193 -6.40 -3.78 -10.55
C ARG A 193 -6.79 -3.68 -12.01
N THR A 194 -8.07 -3.81 -12.28
CA THR A 194 -8.54 -3.70 -13.65
C THR A 194 -8.94 -2.25 -13.90
N GLY A 195 -9.14 -1.91 -15.16
CA GLY A 195 -9.74 -0.63 -15.47
C GLY A 195 -8.79 0.48 -15.83
N GLY A 196 -7.49 0.21 -15.79
CA GLY A 196 -6.50 1.16 -16.29
C GLY A 196 -5.78 2.04 -15.28
N GLU A 197 -6.40 2.29 -14.12
CA GLU A 197 -5.79 3.16 -13.12
C GLU A 197 -4.67 2.44 -12.38
N HIS A 198 -3.69 3.21 -11.91
CA HIS A 198 -2.54 2.66 -11.18
C HIS A 198 -2.49 3.14 -9.73
N ARG A 199 -3.49 2.79 -8.93
CA ARG A 199 -3.53 3.18 -7.49
C ARG A 199 -4.17 2.09 -6.67
N ILE A 200 -4.01 2.20 -5.36
CA ILE A 200 -4.63 1.28 -4.43
C ILE A 200 -6.03 1.79 -4.03
N SER A 201 -6.21 3.12 -4.05
CA SER A 201 -7.49 3.74 -3.72
C SER A 201 -7.99 3.30 -2.36
N ASN A 202 -7.09 3.26 -1.38
CA ASN A 202 -7.46 2.91 -0.02
C ASN A 202 -8.11 1.53 0.08
N PHE A 203 -7.71 0.62 -0.80
CA PHE A 203 -8.04 -0.79 -0.65
C PHE A 203 -7.11 -1.31 0.43
N LEU A 204 -6.67 -2.56 0.36
CA LEU A 204 -5.75 -3.11 1.35
C LEU A 204 -4.48 -2.26 1.37
N LEU A 205 -3.96 -1.99 2.57
CA LEU A 205 -2.73 -1.21 2.71
C LEU A 205 -1.75 -1.98 3.53
N TRP A 206 -2.13 -2.30 4.75
CA TRP A 206 -1.27 -3.09 5.63
C TRP A 206 -0.93 -4.44 5.00
N GLN A 207 -1.97 -5.09 4.46
CA GLN A 207 -1.85 -6.45 3.96
C GLN A 207 -1.04 -6.56 2.66
N ILE A 208 -0.82 -5.45 1.95
CA ILE A 208 -0.11 -5.58 0.66
C ILE A 208 1.35 -5.14 0.67
N ALA A 209 1.94 -5.02 1.85
CA ALA A 209 3.34 -4.62 1.99
C ALA A 209 4.28 -5.40 1.07
N TYR A 210 4.00 -6.68 0.85
CA TYR A 210 4.89 -7.53 0.04
C TYR A 210 4.19 -8.16 -1.15
N ALA A 211 2.98 -7.70 -1.45
CA ALA A 211 2.22 -8.28 -2.56
C ALA A 211 2.73 -7.83 -3.91
N GLU A 212 2.64 -8.72 -4.87
CA GLU A 212 2.84 -8.36 -6.26
C GLU A 212 1.66 -7.52 -6.76
N LEU A 213 1.94 -6.42 -7.46
CA LEU A 213 0.86 -5.58 -7.99
C LEU A 213 0.77 -5.74 -9.50
N TYR A 214 -0.43 -5.99 -9.98
CA TYR A 214 -0.64 -6.26 -11.39
C TYR A 214 -1.77 -5.35 -11.90
N PHE A 215 -1.44 -4.50 -12.86
CA PHE A 215 -2.40 -3.56 -13.42
C PHE A 215 -2.66 -3.96 -14.86
N THR A 216 -3.95 -4.07 -15.21
CA THR A 216 -4.36 -4.29 -16.59
C THR A 216 -5.43 -3.26 -17.01
N ASP A 217 -5.43 -2.85 -18.26
CA ASP A 217 -6.44 -1.94 -18.78
C ASP A 217 -7.82 -2.61 -19.02
N VAL A 218 -7.88 -3.94 -19.01
CA VAL A 218 -9.18 -4.61 -19.21
C VAL A 218 -10.24 -4.07 -18.24
N LEU A 219 -11.39 -3.69 -18.79
CA LEU A 219 -12.52 -3.28 -17.95
C LEU A 219 -13.05 -4.51 -17.24
N TRP A 220 -13.45 -4.33 -15.98
CA TRP A 220 -13.83 -5.48 -15.15
C TRP A 220 -14.85 -6.45 -15.79
N PRO A 221 -15.92 -5.93 -16.43
CA PRO A 221 -16.84 -6.92 -17.03
C PRO A 221 -16.19 -7.80 -18.11
N ASP A 222 -15.15 -7.29 -18.76
CA ASP A 222 -14.43 -8.02 -19.80
C ASP A 222 -13.38 -8.95 -19.22
N PHE A 223 -13.01 -8.72 -17.96
CA PHE A 223 -11.95 -9.52 -17.32
C PHE A 223 -12.36 -10.98 -17.20
N ASP A 224 -11.66 -11.89 -17.88
CA ASP A 224 -12.12 -13.29 -17.89
C ASP A 224 -11.08 -14.32 -17.44
N GLU A 225 -11.34 -15.60 -17.72
CA GLU A 225 -10.44 -16.64 -17.28
C GLU A 225 -9.04 -16.44 -17.82
N GLN A 226 -8.90 -15.95 -19.05
CA GLN A 226 -7.57 -15.81 -19.61
C GLN A 226 -6.85 -14.60 -19.01
N ASP A 227 -7.58 -13.51 -18.78
CA ASP A 227 -7.04 -12.37 -18.04
C ASP A 227 -6.52 -12.82 -16.66
N PHE A 228 -7.35 -13.55 -15.91
CA PHE A 228 -6.99 -14.02 -14.59
C PHE A 228 -5.76 -14.93 -14.69
N GLU A 229 -5.82 -15.88 -15.62
CA GLU A 229 -4.70 -16.77 -15.90
C GLU A 229 -3.43 -16.00 -16.27
N GLY A 230 -3.60 -14.92 -17.01
CA GLY A 230 -2.46 -14.08 -17.37
C GLY A 230 -1.86 -13.38 -16.15
N ALA A 231 -2.70 -13.04 -15.20
CA ALA A 231 -2.24 -12.41 -13.95
C ALA A 231 -1.41 -13.38 -13.12
N LEU A 232 -1.97 -14.54 -12.82
CA LEU A 232 -1.25 -15.62 -12.14
C LEU A 232 0.08 -15.98 -12.80
N ASN A 233 0.11 -16.00 -14.13
CA ASN A 233 1.35 -16.33 -14.82
C ASN A 233 2.36 -15.21 -14.66
N ALA A 234 1.89 -13.96 -14.65
CA ALA A 234 2.79 -12.87 -14.35
C ALA A 234 3.34 -13.02 -12.92
N PHE A 235 2.47 -13.34 -11.96
CA PHE A 235 2.93 -13.55 -10.58
C PHE A 235 3.97 -14.66 -10.51
N ALA A 236 3.73 -15.77 -11.20
CA ALA A 236 4.66 -16.88 -11.15
C ALA A 236 5.99 -16.50 -11.79
N ASN A 237 5.94 -15.83 -12.94
CA ASN A 237 7.15 -15.38 -13.63
C ASN A 237 7.93 -14.28 -12.89
N ARG A 238 7.27 -13.57 -11.98
CA ARG A 238 7.88 -12.43 -11.31
C ARG A 238 8.19 -12.71 -9.85
N HIS B 15 2.13 20.51 -13.13
CA HIS B 15 1.86 19.07 -13.06
C HIS B 15 0.89 18.72 -11.93
N GLY B 16 0.96 19.46 -10.83
CA GLY B 16 0.06 19.27 -9.71
C GLY B 16 0.59 18.28 -8.70
N CYS B 17 1.77 17.75 -8.98
CA CYS B 17 2.41 16.75 -8.13
C CYS B 17 3.27 17.37 -7.01
N ARG B 18 2.80 17.25 -5.77
CA ARG B 18 3.41 17.97 -4.66
C ARG B 18 4.42 17.13 -3.86
N HIS B 19 4.17 15.82 -3.76
CA HIS B 19 5.00 14.92 -2.97
C HIS B 19 5.23 13.65 -3.81
N VAL B 20 6.49 13.43 -4.18
CA VAL B 20 6.91 12.24 -4.90
C VAL B 20 7.70 11.36 -3.97
N ALA B 21 7.41 10.06 -3.98
CA ALA B 21 8.22 9.08 -3.24
C ALA B 21 8.85 8.11 -4.23
N ILE B 22 10.08 7.69 -3.97
CA ILE B 22 10.78 6.85 -4.93
C ILE B 22 11.41 5.67 -4.25
N ILE B 23 11.14 4.47 -4.78
CA ILE B 23 11.86 3.27 -4.40
C ILE B 23 12.98 3.09 -5.40
N MET B 24 14.19 3.37 -4.94
CA MET B 24 15.37 3.42 -5.77
C MET B 24 15.97 2.04 -5.87
N ASP B 25 15.54 1.26 -6.86
CA ASP B 25 16.01 -0.12 -6.97
C ASP B 25 16.88 -0.27 -8.21
N GLY B 26 17.90 -1.13 -8.16
CA GLY B 26 18.63 -1.48 -9.36
C GLY B 26 20.13 -1.22 -9.37
N ASN B 27 20.65 -0.66 -8.29
CA ASN B 27 22.07 -0.30 -8.24
C ASN B 27 22.95 -1.52 -8.52
N GLY B 28 22.62 -2.63 -7.89
CA GLY B 28 23.38 -3.87 -8.01
C GLY B 28 23.36 -4.45 -9.41
N ARG B 29 22.17 -4.62 -9.96
CA ARG B 29 22.02 -5.13 -11.31
C ARG B 29 22.72 -4.24 -12.32
N TRP B 30 22.64 -2.94 -12.08
CA TRP B 30 23.26 -1.96 -12.98
C TRP B 30 24.79 -2.18 -13.02
N ALA B 31 25.41 -2.24 -11.84
CA ALA B 31 26.84 -2.47 -11.73
C ALA B 31 27.26 -3.72 -12.48
N LYS B 32 26.44 -4.77 -12.40
CA LYS B 32 26.76 -6.03 -13.06
C LYS B 32 26.77 -5.89 -14.58
N LYS B 33 25.69 -5.33 -15.11
CA LYS B 33 25.59 -5.01 -16.54
C LYS B 33 26.76 -4.18 -17.04
N GLN B 34 27.33 -3.34 -16.16
CA GLN B 34 28.50 -2.54 -16.49
C GLN B 34 29.80 -3.33 -16.34
N GLY B 35 29.71 -4.53 -15.79
CA GLY B 35 30.89 -5.35 -15.53
C GLY B 35 31.74 -4.80 -14.41
N LYS B 36 31.09 -4.13 -13.46
CA LYS B 36 31.76 -3.48 -12.33
C LYS B 36 31.24 -4.02 -11.00
N ILE B 37 31.95 -3.72 -9.92
CA ILE B 37 31.58 -4.21 -8.60
C ILE B 37 30.39 -3.40 -8.05
N ARG B 38 29.76 -3.92 -7.00
CA ARG B 38 28.52 -3.33 -6.50
C ARG B 38 28.68 -1.89 -6.00
N ALA B 39 29.81 -1.62 -5.35
CA ALA B 39 30.08 -0.29 -4.80
C ALA B 39 30.11 0.76 -5.91
N PHE B 40 30.48 0.33 -7.11
CA PHE B 40 30.48 1.20 -8.27
C PHE B 40 29.04 1.57 -8.62
N GLY B 41 28.13 0.61 -8.40
CA GLY B 41 26.71 0.83 -8.63
C GLY B 41 26.13 1.78 -7.61
N HIS B 42 26.58 1.65 -6.36
CA HIS B 42 26.15 2.57 -5.32
C HIS B 42 26.59 4.00 -5.61
N LYS B 43 27.81 4.15 -6.12
CA LYS B 43 28.36 5.47 -6.43
C LYS B 43 27.55 6.13 -7.54
N ALA B 44 27.16 5.33 -8.52
CA ALA B 44 26.32 5.85 -9.59
C ALA B 44 24.92 6.10 -9.05
N GLY B 45 24.49 5.26 -8.11
CA GLY B 45 23.24 5.48 -7.40
C GLY B 45 23.16 6.85 -6.75
N ALA B 46 24.23 7.24 -6.05
CA ALA B 46 24.28 8.54 -5.35
C ALA B 46 24.21 9.71 -6.32
N LYS B 47 24.83 9.57 -7.48
CA LYS B 47 24.76 10.62 -8.48
C LYS B 47 23.33 10.78 -8.97
N SER B 48 22.65 9.64 -9.10
CA SER B 48 21.29 9.65 -9.56
C SER B 48 20.39 10.31 -8.49
N VAL B 49 20.71 10.11 -7.22
CA VAL B 49 20.00 10.80 -6.14
C VAL B 49 20.16 12.32 -6.30
N ARG B 50 21.40 12.77 -6.49
CA ARG B 50 21.67 14.21 -6.65
C ARG B 50 20.81 14.79 -7.76
N ARG B 51 20.86 14.10 -8.89
CA ARG B 51 20.09 14.46 -10.07
C ARG B 51 18.58 14.50 -9.78
N ALA B 52 18.06 13.53 -9.02
CA ALA B 52 16.63 13.48 -8.70
C ALA B 52 16.23 14.60 -7.77
N VAL B 53 17.10 14.87 -6.79
CA VAL B 53 16.86 15.95 -5.83
C VAL B 53 16.88 17.30 -6.50
N SER B 54 17.82 17.53 -7.42
CA SER B 54 17.85 18.81 -8.12
C SER B 54 16.65 18.99 -9.03
N PHE B 55 16.28 17.92 -9.74
CA PHE B 55 15.11 17.98 -10.59
C PHE B 55 13.87 18.31 -9.78
N ALA B 56 13.67 17.62 -8.66
CA ALA B 56 12.52 17.89 -7.79
C ALA B 56 12.49 19.35 -7.34
N ALA B 57 13.60 19.86 -6.83
CA ALA B 57 13.63 21.25 -6.38
C ALA B 57 13.39 22.21 -7.56
N ASN B 58 14.02 21.93 -8.71
CA ASN B 58 13.84 22.72 -9.92
C ASN B 58 12.42 22.83 -10.44
N ASN B 59 11.60 21.83 -10.15
CA ASN B 59 10.27 21.78 -10.72
C ASN B 59 9.17 21.98 -9.71
N GLY B 60 9.53 22.58 -8.57
CA GLY B 60 8.55 23.02 -7.60
C GLY B 60 7.88 21.93 -6.80
N ILE B 61 8.42 20.72 -6.86
CA ILE B 61 7.92 19.65 -6.01
C ILE B 61 8.19 19.97 -4.54
N GLU B 62 7.17 19.87 -3.69
CA GLU B 62 7.28 20.27 -2.29
C GLU B 62 8.05 19.28 -1.44
N ALA B 63 7.86 17.99 -1.72
CA ALA B 63 8.52 16.98 -0.92
C ALA B 63 9.00 15.82 -1.77
N LEU B 64 10.19 15.33 -1.46
CA LEU B 64 10.77 14.19 -2.16
C LEU B 64 11.18 13.17 -1.13
N THR B 65 10.65 11.94 -1.22
CA THR B 65 10.90 10.93 -0.22
C THR B 65 11.57 9.71 -0.84
N LEU B 66 12.81 9.41 -0.41
CA LEU B 66 13.68 8.47 -1.11
C LEU B 66 13.97 7.22 -0.29
N TYR B 67 13.78 6.06 -0.91
CA TYR B 67 13.92 4.79 -0.22
C TYR B 67 14.97 3.92 -0.92
N ALA B 68 16.04 3.60 -0.21
CA ALA B 68 17.08 2.75 -0.78
C ALA B 68 16.67 1.28 -0.72
N PHE B 69 16.65 0.64 -1.88
CA PHE B 69 16.28 -0.77 -1.96
C PHE B 69 17.14 -1.51 -2.99
N GLU B 86 23.57 2.30 7.35
CA GLU B 86 24.34 3.30 8.08
C GLU B 86 25.46 3.88 7.23
N LEU B 87 25.86 3.14 6.20
CA LEU B 87 26.91 3.58 5.31
C LEU B 87 26.38 4.61 4.30
N PHE B 88 25.14 4.44 3.87
CA PHE B 88 24.53 5.30 2.85
C PHE B 88 24.15 6.71 3.35
N VAL B 89 23.64 6.83 4.57
CA VAL B 89 23.31 8.17 5.06
C VAL B 89 24.59 8.95 5.38
N TRP B 90 25.66 8.24 5.73
CA TRP B 90 26.96 8.89 5.97
C TRP B 90 27.40 9.69 4.75
N ALA B 91 27.11 9.16 3.57
CA ALA B 91 27.46 9.81 2.31
C ALA B 91 26.75 11.16 2.14
N LEU B 92 25.55 11.27 2.70
CA LEU B 92 24.78 12.51 2.56
C LEU B 92 25.25 13.60 3.51
N ASP B 93 26.06 13.23 4.50
CA ASP B 93 26.63 14.19 5.46
C ASP B 93 27.46 15.26 4.75
N SER B 94 28.23 14.85 3.74
CA SER B 94 29.05 15.79 2.98
C SER B 94 28.23 16.58 1.96
N GLU B 95 26.95 16.24 1.85
CA GLU B 95 26.06 16.94 0.94
C GLU B 95 25.26 18.00 1.64
N VAL B 96 25.26 17.96 2.97
CA VAL B 96 24.33 18.76 3.76
C VAL B 96 24.53 20.26 3.57
N LYS B 97 25.79 20.69 3.55
CA LYS B 97 26.13 22.10 3.34
C LYS B 97 25.42 22.64 2.13
N SER B 98 25.54 21.92 1.02
CA SER B 98 24.94 22.28 -0.24
C SER B 98 23.41 22.24 -0.23
N LEU B 99 22.84 21.24 0.42
CA LEU B 99 21.38 21.15 0.52
C LEU B 99 20.85 22.36 1.28
N HIS B 100 21.55 22.72 2.34
CA HIS B 100 21.14 23.83 3.20
C HIS B 100 21.12 25.14 2.40
N ARG B 101 22.20 25.40 1.67
CA ARG B 101 22.26 26.56 0.79
C ARG B 101 21.12 26.56 -0.24
N HIS B 102 20.73 25.39 -0.70
CA HIS B 102 19.62 25.31 -1.63
C HIS B 102 18.27 25.33 -0.91
N ASN B 103 18.28 25.73 0.36
CA ASN B 103 17.03 25.88 1.13
C ASN B 103 16.25 24.55 1.20
N VAL B 104 16.97 23.44 1.23
CA VAL B 104 16.34 22.12 1.35
C VAL B 104 16.22 21.74 2.81
N ARG B 105 15.04 21.24 3.19
CA ARG B 105 14.81 20.75 4.53
C ARG B 105 15.10 19.24 4.51
N LEU B 106 16.08 18.83 5.29
CA LEU B 106 16.48 17.43 5.28
C LEU B 106 15.92 16.67 6.46
N ARG B 107 15.31 15.53 6.19
CA ARG B 107 14.75 14.72 7.27
C ARG B 107 15.05 13.27 7.06
N ILE B 108 15.40 12.57 8.12
CA ILE B 108 15.53 11.12 8.01
C ILE B 108 14.30 10.49 8.64
N ILE B 109 13.67 9.56 7.93
CA ILE B 109 12.53 8.84 8.52
C ILE B 109 12.87 7.35 8.65
N GLY B 110 12.54 6.74 9.78
CA GLY B 110 12.88 5.35 9.99
C GLY B 110 13.51 5.15 11.35
N ASP B 111 13.90 3.92 11.64
CA ASP B 111 14.39 3.57 12.97
C ASP B 111 15.89 3.75 13.08
N THR B 112 16.31 4.92 13.51
CA THR B 112 17.73 5.24 13.63
C THR B 112 18.25 4.92 15.02
N SER B 113 17.37 4.46 15.91
CA SER B 113 17.76 4.10 17.27
C SER B 113 18.85 3.03 17.21
N ARG B 114 18.80 2.24 16.15
CA ARG B 114 19.78 1.20 15.86
C ARG B 114 21.20 1.78 15.70
N PHE B 115 21.28 2.92 15.04
CA PHE B 115 22.55 3.44 14.50
C PHE B 115 23.53 3.84 15.61
N ASN B 116 24.82 3.82 15.33
CA ASN B 116 25.78 4.25 16.34
C ASN B 116 25.53 5.72 16.70
N SER B 117 25.75 6.05 17.96
CA SER B 117 25.33 7.35 18.50
C SER B 117 26.01 8.53 17.84
N ARG B 118 27.14 8.27 17.17
CA ARG B 118 27.81 9.32 16.45
C ARG B 118 27.06 9.64 15.17
N LEU B 119 26.63 8.61 14.45
CA LEU B 119 25.86 8.85 13.23
C LEU B 119 24.54 9.52 13.57
N GLN B 120 23.92 9.06 14.66
CA GLN B 120 22.64 9.60 15.13
C GLN B 120 22.74 11.11 15.42
N GLU B 121 23.85 11.52 16.02
CA GLU B 121 24.05 12.91 16.35
C GLU B 121 24.26 13.76 15.09
N ARG B 122 24.91 13.18 14.09
CA ARG B 122 25.11 13.91 12.83
C ARG B 122 23.81 14.05 12.07
N ILE B 123 23.02 12.99 12.02
CA ILE B 123 21.64 13.08 11.55
C ILE B 123 20.91 14.25 12.27
N ARG B 124 20.91 14.19 13.60
CA ARG B 124 20.31 15.22 14.45
C ARG B 124 20.74 16.62 14.07
N LYS B 125 22.04 16.80 13.84
CA LYS B 125 22.61 18.11 13.51
C LYS B 125 22.22 18.57 12.13
N SER B 126 22.25 17.67 11.16
CA SER B 126 21.85 18.02 9.81
C SER B 126 20.37 18.34 9.73
N GLU B 127 19.54 17.59 10.45
CA GLU B 127 18.13 17.92 10.54
C GLU B 127 17.93 19.31 11.15
N ALA B 128 18.60 19.57 12.26
CA ALA B 128 18.42 20.83 12.97
C ALA B 128 18.90 22.01 12.12
N LEU B 129 20.04 21.84 11.46
CA LEU B 129 20.57 22.89 10.58
C LEU B 129 19.54 23.29 9.51
N THR B 130 18.85 22.33 8.93
CA THR B 130 18.02 22.63 7.78
C THR B 130 16.52 22.71 8.13
N ALA B 131 16.17 22.44 9.38
CA ALA B 131 14.75 22.32 9.77
C ALA B 131 13.92 23.58 9.46
N GLY B 132 14.56 24.74 9.45
CA GLY B 132 13.87 25.99 9.21
C GLY B 132 13.78 26.34 7.74
N ASN B 133 14.32 25.49 6.88
CA ASN B 133 14.29 25.77 5.44
C ASN B 133 12.92 25.62 4.85
N THR B 134 12.65 26.35 3.78
CA THR B 134 11.29 26.40 3.25
C THR B 134 11.15 25.92 1.80
N GLY B 135 12.22 25.38 1.22
CA GLY B 135 12.16 24.86 -0.15
C GLY B 135 11.73 23.39 -0.14
N LEU B 136 12.40 22.57 -0.94
CA LEU B 136 12.12 21.14 -0.98
C LEU B 136 12.36 20.48 0.36
N THR B 137 11.41 19.68 0.82
CA THR B 137 11.68 18.81 1.97
C THR B 137 12.11 17.46 1.40
N LEU B 138 13.31 17.03 1.77
CA LEU B 138 13.86 15.77 1.30
C LEU B 138 13.91 14.77 2.44
N ASN B 139 13.06 13.76 2.37
CA ASN B 139 13.03 12.71 3.35
C ASN B 139 13.80 11.51 2.87
N ILE B 140 14.76 11.08 3.68
CA ILE B 140 15.55 9.90 3.38
C ILE B 140 15.13 8.76 4.29
N ALA B 141 14.63 7.67 3.70
CA ALA B 141 14.20 6.52 4.49
C ALA B 141 15.40 5.67 4.84
N ALA B 142 15.69 5.55 6.14
CA ALA B 142 16.83 4.76 6.58
C ALA B 142 16.35 3.75 7.60
N ASN B 143 16.52 2.46 7.29
CA ASN B 143 15.99 1.39 8.15
C ASN B 143 14.53 1.69 8.46
N TYR B 144 13.80 2.00 7.38
CA TYR B 144 12.40 2.37 7.44
C TYR B 144 11.52 1.19 6.99
N GLY B 145 10.30 1.13 7.52
CA GLY B 145 9.31 0.17 7.07
C GLY B 145 7.95 0.78 7.27
N GLY B 146 7.05 0.57 6.31
CA GLY B 146 5.72 1.12 6.39
C GLY B 146 4.90 0.59 7.57
N ARG B 147 5.06 -0.71 7.84
CA ARG B 147 4.35 -1.32 8.96
C ARG B 147 4.89 -0.77 10.28
N TRP B 148 6.22 -0.65 10.35
CA TRP B 148 6.92 -0.07 11.49
C TRP B 148 6.46 1.35 11.79
N ASP B 149 6.36 2.14 10.74
CA ASP B 149 5.89 3.52 10.79
C ASP B 149 4.51 3.61 11.48
N ILE B 150 3.54 2.88 10.95
CA ILE B 150 2.23 2.76 11.57
C ILE B 150 2.34 2.29 13.04
N VAL B 151 3.12 1.25 13.30
CA VAL B 151 3.28 0.73 14.68
C VAL B 151 3.74 1.82 15.66
N GLN B 152 4.71 2.65 15.25
CA GLN B 152 5.21 3.75 16.06
CA GLN B 152 5.20 3.74 16.08
C GLN B 152 4.06 4.68 16.48
N GLY B 153 3.15 4.93 15.55
CA GLY B 153 2.03 5.80 15.84
C GLY B 153 1.05 5.13 16.77
N VAL B 154 0.85 3.84 16.55
CA VAL B 154 -0.02 3.03 17.39
C VAL B 154 0.49 3.04 18.83
N ARG B 155 1.79 2.86 19.00
CA ARG B 155 2.38 2.82 20.32
C ARG B 155 2.21 4.16 21.01
N GLN B 156 2.27 5.24 20.25
CA GLN B 156 2.06 6.57 20.79
C GLN B 156 0.64 6.76 21.27
N LEU B 157 -0.32 6.32 20.46
CA LEU B 157 -1.72 6.42 20.83
C LEU B 157 -2.03 5.55 22.03
N ALA B 158 -1.38 4.39 22.08
CA ALA B 158 -1.60 3.41 23.14
C ALA B 158 -1.20 3.98 24.49
N GLU B 159 -0.09 4.71 24.49
CA GLU B 159 0.39 5.34 25.71
C GLU B 159 -0.59 6.42 26.19
N LYS B 160 -1.15 7.18 25.27
CA LYS B 160 -2.15 8.18 25.62
C LYS B 160 -3.39 7.52 26.24
N VAL B 161 -3.75 6.34 25.73
CA VAL B 161 -4.87 5.58 26.28
C VAL B 161 -4.57 5.14 27.71
N GLN B 162 -3.39 4.59 27.90
CA GLN B 162 -2.97 4.03 29.19
C GLN B 162 -2.93 5.08 30.30
N GLN B 163 -2.81 6.34 29.91
CA GLN B 163 -2.74 7.43 30.87
C GLN B 163 -4.08 8.11 31.07
N GLY B 164 -5.13 7.56 30.47
CA GLY B 164 -6.46 8.13 30.57
C GLY B 164 -6.64 9.40 29.74
N ASN B 165 -5.60 9.79 29.03
CA ASN B 165 -5.64 11.00 28.21
C ASN B 165 -6.34 10.81 26.87
N LEU B 166 -6.78 9.58 26.58
CA LEU B 166 -7.37 9.27 25.29
C LEU B 166 -8.25 8.02 25.37
N GLN B 167 -9.50 8.14 24.92
CA GLN B 167 -10.40 6.98 24.87
C GLN B 167 -10.26 6.19 23.57
N PRO B 168 -10.35 4.86 23.64
CA PRO B 168 -10.26 4.00 22.46
C PRO B 168 -11.18 4.40 21.30
N ASP B 169 -12.46 4.64 21.57
CA ASP B 169 -13.41 4.93 20.49
C ASP B 169 -13.16 6.33 19.86
N GLN B 170 -12.32 7.13 20.50
CA GLN B 170 -11.96 8.44 19.95
C GLN B 170 -10.84 8.36 18.88
N ILE B 171 -10.20 7.21 18.77
CA ILE B 171 -9.13 7.00 17.79
C ILE B 171 -9.71 6.79 16.39
N ASP B 172 -9.40 7.71 15.48
CA ASP B 172 -9.91 7.63 14.12
C ASP B 172 -8.80 7.85 13.11
N GLU B 173 -9.16 7.87 11.83
CA GLU B 173 -8.16 7.98 10.76
C GLU B 173 -7.34 9.23 10.91
N GLU B 174 -8.04 10.35 11.08
CA GLU B 174 -7.38 11.62 11.21
C GLU B 174 -6.35 11.60 12.32
N MET B 175 -6.69 10.98 13.46
CA MET B 175 -5.78 10.98 14.62
C MET B 175 -4.54 10.11 14.37
N LEU B 176 -4.73 8.93 13.82
CA LEU B 176 -3.59 8.07 13.50
C LEU B 176 -2.77 8.70 12.38
N ASN B 177 -3.43 9.39 11.46
CA ASN B 177 -2.68 10.11 10.43
C ASN B 177 -1.69 11.10 11.00
N GLN B 178 -2.05 11.73 12.11
CA GLN B 178 -1.17 12.73 12.72
C GLN B 178 -0.06 12.07 13.50
N HIS B 179 -0.02 10.75 13.50
CA HIS B 179 1.02 10.07 14.25
C HIS B 179 1.96 9.24 13.40
N VAL B 180 1.78 9.29 12.09
CA VAL B 180 2.68 8.57 11.18
C VAL B 180 3.61 9.58 10.49
N CYS B 181 4.75 9.09 10.02
CA CYS B 181 5.73 9.93 9.33
C CYS B 181 5.11 10.84 8.27
N MET B 182 5.56 12.10 8.26
CA MET B 182 5.30 13.07 7.20
C MET B 182 3.88 13.62 7.22
N HIS B 183 3.19 13.50 8.34
CA HIS B 183 1.80 13.96 8.43
C HIS B 183 1.66 15.47 8.18
N GLU B 184 2.76 16.19 8.40
CA GLU B 184 2.78 17.63 8.20
C GLU B 184 3.21 18.03 6.78
N LEU B 185 3.42 17.06 5.89
CA LEU B 185 3.80 17.37 4.50
C LEU B 185 2.60 17.13 3.60
N ALA B 186 2.63 17.63 2.37
CA ALA B 186 1.58 17.31 1.41
C ALA B 186 1.46 15.80 1.31
N PRO B 187 0.24 15.29 1.17
CA PRO B 187 0.10 13.83 0.98
C PRO B 187 0.91 13.36 -0.23
N VAL B 188 1.40 12.13 -0.18
CA VAL B 188 2.10 11.53 -1.32
C VAL B 188 1.16 11.38 -2.51
N ASP B 189 1.52 12.04 -3.61
CA ASP B 189 0.81 12.05 -4.87
C ASP B 189 1.27 10.96 -5.82
N LEU B 190 2.54 10.60 -5.77
CA LEU B 190 3.12 9.73 -6.81
C LEU B 190 4.21 8.90 -6.20
N VAL B 191 4.14 7.59 -6.45
CA VAL B 191 5.21 6.69 -6.04
C VAL B 191 5.90 6.17 -7.31
N ILE B 192 7.21 6.32 -7.36
CA ILE B 192 7.97 5.81 -8.48
C ILE B 192 8.78 4.63 -7.99
N ARG B 193 8.70 3.48 -8.66
CA ARG B 193 9.63 2.40 -8.34
C ARG B 193 10.42 2.01 -9.57
N THR B 194 11.74 2.14 -9.46
CA THR B 194 12.64 1.81 -10.54
C THR B 194 13.06 0.36 -10.41
N GLY B 195 13.72 -0.15 -11.44
CA GLY B 195 14.30 -1.48 -11.32
C GLY B 195 13.43 -2.64 -11.74
N GLY B 196 12.20 -2.37 -12.18
CA GLY B 196 11.40 -3.44 -12.79
C GLY B 196 10.47 -4.25 -11.90
N GLU B 197 10.65 -4.20 -10.57
CA GLU B 197 9.73 -4.89 -9.64
C GLU B 197 8.41 -4.13 -9.41
N HIS B 198 7.32 -4.88 -9.32
CA HIS B 198 5.99 -4.28 -9.10
C HIS B 198 5.48 -4.53 -7.69
N ARG B 199 6.16 -3.95 -6.71
CA ARG B 199 5.91 -4.14 -5.29
C ARG B 199 6.26 -2.87 -4.52
N ILE B 200 5.53 -2.64 -3.44
CA ILE B 200 5.75 -1.55 -2.51
C ILE B 200 6.89 -1.93 -1.56
N SER B 201 7.04 -3.23 -1.29
CA SER B 201 8.10 -3.72 -0.45
C SER B 201 8.15 -3.07 0.95
N ASN B 202 7.00 -2.89 1.58
CA ASN B 202 6.94 -2.36 2.94
C ASN B 202 7.61 -0.99 3.03
N PHE B 203 7.58 -0.26 1.92
CA PHE B 203 7.85 1.17 1.88
C PHE B 203 6.61 1.81 2.50
N LEU B 204 6.32 3.07 2.18
CA LEU B 204 5.14 3.78 2.68
C LEU B 204 3.90 2.94 2.41
N LEU B 205 3.03 2.79 3.41
CA LEU B 205 1.77 2.06 3.25
C LEU B 205 0.58 2.94 3.57
N TRP B 206 0.50 3.44 4.80
CA TRP B 206 -0.57 4.37 5.17
C TRP B 206 -0.64 5.55 4.19
N GLN B 207 0.54 6.07 3.87
CA GLN B 207 0.67 7.32 3.15
C GLN B 207 0.33 7.23 1.65
N ILE B 208 0.26 6.02 1.10
CA ILE B 208 0.06 5.92 -0.34
C ILE B 208 -1.32 5.44 -0.75
N ALA B 209 -2.26 5.50 0.19
CA ALA B 209 -3.64 5.12 -0.04
C ALA B 209 -4.20 5.67 -1.34
N TYR B 210 -3.94 6.94 -1.66
CA TYR B 210 -4.50 7.53 -2.88
C TYR B 210 -3.44 7.98 -3.88
N ALA B 211 -2.22 7.47 -3.73
CA ALA B 211 -1.11 7.92 -4.59
C ALA B 211 -1.12 7.21 -5.95
N GLU B 212 -0.68 7.93 -6.98
CA GLU B 212 -0.45 7.29 -8.28
C GLU B 212 0.78 6.39 -8.17
N LEU B 213 0.73 5.18 -8.73
CA LEU B 213 1.89 4.29 -8.66
C LEU B 213 2.53 4.14 -10.04
N TYR B 214 3.82 4.39 -10.13
CA TYR B 214 4.50 4.39 -11.40
C TYR B 214 5.69 3.44 -11.37
N PHE B 215 5.62 2.40 -12.19
CA PHE B 215 6.67 1.41 -12.25
C PHE B 215 7.44 1.52 -13.53
N THR B 216 8.76 1.54 -13.41
CA THR B 216 9.60 1.57 -14.60
C THR B 216 10.72 0.55 -14.49
N ASP B 217 11.09 -0.01 -15.63
CA ASP B 217 12.16 -1.00 -15.71
C ASP B 217 13.54 -0.34 -15.60
N VAL B 218 13.60 0.98 -15.77
CA VAL B 218 14.89 1.67 -15.72
C VAL B 218 15.55 1.40 -14.37
N LEU B 219 16.85 1.11 -14.40
CA LEU B 219 17.61 0.84 -13.19
C LEU B 219 17.96 2.18 -12.57
N TRP B 220 17.96 2.24 -11.24
CA TRP B 220 18.07 3.53 -10.55
C TRP B 220 19.26 4.43 -10.98
N PRO B 221 20.46 3.87 -11.22
CA PRO B 221 21.51 4.81 -11.69
C PRO B 221 21.26 5.42 -13.09
N ASP B 222 20.39 4.81 -13.89
CA ASP B 222 20.05 5.37 -15.21
C ASP B 222 18.87 6.35 -15.16
N PHE B 223 18.04 6.28 -14.11
CA PHE B 223 16.85 7.14 -13.96
C PHE B 223 17.26 8.61 -13.97
N ASP B 224 16.88 9.34 -15.01
CA ASP B 224 17.29 10.73 -15.19
C ASP B 224 16.10 11.70 -15.20
N GLU B 225 16.33 12.93 -15.64
CA GLU B 225 15.27 13.94 -15.65
C GLU B 225 14.11 13.58 -16.56
N GLN B 226 14.41 12.94 -17.67
CA GLN B 226 13.39 12.53 -18.64
C GLN B 226 12.53 11.41 -18.05
N ASP B 227 13.17 10.42 -17.43
CA ASP B 227 12.43 9.39 -16.69
C ASP B 227 11.51 10.02 -15.66
N PHE B 228 12.05 11.00 -14.92
CA PHE B 228 11.29 11.63 -13.84
C PHE B 228 10.08 12.36 -14.41
N GLU B 229 10.30 13.13 -15.48
CA GLU B 229 9.22 13.79 -16.20
C GLU B 229 8.21 12.81 -16.76
N GLY B 230 8.70 11.69 -17.29
CA GLY B 230 7.80 10.63 -17.75
C GLY B 230 6.83 10.27 -16.65
N ALA B 231 7.32 10.19 -15.41
CA ALA B 231 6.48 9.83 -14.29
C ALA B 231 5.49 10.93 -13.97
N LEU B 232 5.95 12.16 -13.97
CA LEU B 232 5.07 13.31 -13.78
C LEU B 232 3.97 13.35 -14.82
N ASN B 233 4.29 12.95 -16.06
CA ASN B 233 3.29 12.94 -17.13
C ASN B 233 2.17 11.97 -16.88
N ALA B 234 2.55 10.77 -16.42
CA ALA B 234 1.59 9.75 -16.05
C ALA B 234 0.63 10.27 -14.99
N PHE B 235 1.19 10.97 -14.01
CA PHE B 235 0.38 11.58 -12.96
C PHE B 235 -0.56 12.63 -13.53
N ALA B 236 -0.09 13.40 -14.51
CA ALA B 236 -0.88 14.44 -15.14
C ALA B 236 -2.17 13.89 -15.80
N ASN B 237 -2.23 12.59 -16.08
CA ASN B 237 -3.47 11.98 -16.52
C ASN B 237 -3.86 10.79 -15.64
#